data_3C6N
#
_entry.id   3C6N
#
_cell.length_a   102.510
_cell.length_b   80.661
_cell.length_c   125.071
_cell.angle_alpha   90.00
_cell.angle_beta   104.95
_cell.angle_gamma   90.00
#
_symmetry.space_group_name_H-M   'C 1 2 1'
#
loop_
_entity.id
_entity.type
_entity.pdbx_description
1 polymer 'SKP1-like protein 1A'
2 polymer 'TRANSPORT INHIBITOR RESPONSE 1'
3 non-polymer 'INOSITOL HEXAKISPHOSPHATE'
4 non-polymer '(2S)-8-[(tert-butoxycarbonyl)amino]-2-(1H-indol-3-yl)octanoic acid'
5 water water
#
loop_
_entity_poly.entity_id
_entity_poly.type
_entity_poly.pdbx_seq_one_letter_code
_entity_poly.pdbx_strand_id
1 'polypeptide(L)'
;MSAKKIVLKSSDGESFEVEEAVALESQTIAHMVEDDCVDNGVPLPNVTSKILAKVIEYCKRHVEAAASKAEAVEGAATSD
DDLKAWDADFMKIDQATLFELILAANYLNIKNLLDLTCQTVADMIKGKTPEEIRTTFNIKNDFTPEEEEEVRRENQWAFE
;
A
2 'polypeptide(L)'
;MQKRIALSFPEEVLEHVFSFIQLDKDRNSVSLVCKSWYEIERWCRRKVFIGNCYAVSPATVIRRFPKVRSVELKGKPHFA
DFNLVPDGWGGYVYPWIEAMSSSYTWLEEIRLKRMVVTDDCLELIAKSFKNFKVLVLSSCEGFSTDGLAAIAATCRNLKE
LDLRESDVDDVSGHWLSHFPDTYTSLVSLNISCLASEVSFSALERLVTRCPNLKSLKLNRAVPLEKLATLLQRAPQLEEL
GTGGYTAEVRPDVYSGLSVALSGCKELRCLSGFWDAVPAYLPAVYSVCSRLTTLNLSYATVQSYDLVKLLCQCPKLQRLW
VLDYIEDAGLEVLASTCKDLRELRVFPSEPFVMEPNVALTEQGLVSVSMGCPKLESVLYFCRQMTNAALITIARNRPNMT
RFRLCIIEPKAPDYLTLEPLDIGFGAIVEHCKDLRRLSLSGLLTDKVFEYIGTYAKKMEMLSVAFAGDSDLGMHHVLSGC
DSLRKLEIRDCPFGDKALLANASKLETMRSLWMSSCSVSFGACKLLGQKMPKLNVEVIDERGAPDSRPESCPVERVFIYR
TVAGPRFDMPGFVWNMDQDSTMRFSRQIITTNGL
;
B
#
# COMPACT_ATOMS: atom_id res chain seq x y z
N ALA A 104 38.93 -14.90 3.20
CA ALA A 104 38.89 -15.18 4.67
C ALA A 104 37.95 -16.35 5.12
N ALA A 105 38.61 -17.39 5.61
CA ALA A 105 38.09 -18.28 6.60
C ALA A 105 38.49 -17.65 7.95
N ASN A 106 38.75 -18.52 8.91
CA ASN A 106 38.53 -18.29 10.34
C ASN A 106 38.11 -19.67 10.88
N TYR A 107 38.18 -19.83 12.20
CA TYR A 107 38.48 -21.11 12.84
C TYR A 107 38.15 -20.68 14.24
N LEU A 108 38.56 -19.44 14.42
CA LEU A 108 39.26 -18.86 15.56
C LEU A 108 38.37 -17.73 16.08
N ASN A 109 37.50 -17.29 15.14
CA ASN A 109 36.15 -16.71 15.34
C ASN A 109 36.01 -15.22 15.40
N ILE A 110 36.72 -14.51 14.54
CA ILE A 110 36.79 -13.07 14.79
C ILE A 110 35.52 -12.32 14.26
N LYS A 111 34.46 -12.48 15.10
CA LYS A 111 33.01 -12.26 14.79
C LYS A 111 32.70 -10.99 13.99
N ASN A 112 33.45 -9.95 14.28
CA ASN A 112 33.30 -8.71 13.58
C ASN A 112 33.72 -8.84 12.13
N LEU A 113 34.76 -9.64 11.85
CA LEU A 113 35.33 -9.66 10.49
C LEU A 113 34.48 -10.57 9.57
N LEU A 114 33.91 -11.66 10.14
CA LEU A 114 32.85 -12.42 9.46
C LEU A 114 31.90 -11.40 8.91
N ASP A 115 31.39 -10.56 9.79
CA ASP A 115 30.51 -9.50 9.36
C ASP A 115 31.05 -8.66 8.19
N LEU A 116 32.35 -8.36 8.22
CA LEU A 116 33.00 -7.58 7.14
C LEU A 116 32.99 -8.32 5.77
N THR A 117 33.41 -9.59 5.74
CA THR A 117 33.36 -10.31 4.47
C THR A 117 31.90 -10.64 4.00
N CYS A 118 31.12 -11.29 4.87
CA CYS A 118 29.75 -11.68 4.54
C CYS A 118 28.95 -10.53 3.92
N GLN A 119 28.94 -9.38 4.58
CA GLN A 119 28.19 -8.19 4.10
C GLN A 119 28.60 -7.78 2.67
N THR A 120 29.81 -8.11 2.27
CA THR A 120 30.29 -7.69 0.93
C THR A 120 30.28 -8.82 -0.11
N VAL A 121 30.38 -10.07 0.34
CA VAL A 121 30.00 -11.18 -0.51
C VAL A 121 28.50 -11.09 -0.80
N ALA A 122 27.69 -10.95 0.25
CA ALA A 122 26.29 -10.73 0.08
C ALA A 122 26.13 -9.61 -0.92
N ASP A 123 27.03 -8.64 -0.88
CA ASP A 123 26.93 -7.52 -1.80
C ASP A 123 27.26 -7.89 -3.24
N MET A 124 27.95 -9.01 -3.39
CA MET A 124 28.20 -9.61 -4.67
C MET A 124 26.89 -9.95 -5.40
N ILE A 125 25.90 -10.40 -4.60
CA ILE A 125 24.77 -11.21 -5.02
C ILE A 125 23.52 -10.39 -5.32
N LYS A 126 23.30 -9.34 -4.52
CA LYS A 126 22.00 -8.65 -4.52
C LYS A 126 21.84 -8.12 -5.91
N GLY A 127 20.61 -8.18 -6.38
CA GLY A 127 20.23 -7.78 -7.74
C GLY A 127 20.88 -8.58 -8.87
N LYS A 128 21.20 -9.86 -8.65
CA LYS A 128 21.73 -10.72 -9.72
C LYS A 128 20.90 -11.98 -9.83
N THR A 129 20.65 -12.41 -11.08
CA THR A 129 19.86 -13.62 -11.39
C THR A 129 20.52 -14.84 -10.76
N PRO A 130 19.83 -15.98 -10.79
CA PRO A 130 20.49 -17.17 -10.29
C PRO A 130 21.61 -17.59 -11.21
N GLU A 131 21.57 -17.16 -12.47
CA GLU A 131 22.70 -17.41 -13.37
C GLU A 131 23.90 -16.50 -13.06
N GLU A 132 23.67 -15.18 -13.15
CA GLU A 132 24.71 -14.20 -12.86
C GLU A 132 25.46 -14.65 -11.61
N ILE A 133 24.74 -15.04 -10.54
CA ILE A 133 25.40 -15.54 -9.33
C ILE A 133 26.23 -16.75 -9.70
N ARG A 134 25.56 -17.80 -10.15
CA ARG A 134 26.14 -19.15 -10.45
C ARG A 134 27.33 -19.19 -11.40
N THR A 135 27.26 -18.38 -12.44
CA THR A 135 28.44 -17.99 -13.17
C THR A 135 29.45 -17.41 -12.20
N THR A 136 29.31 -16.13 -11.90
CA THR A 136 30.32 -15.39 -11.16
C THR A 136 30.58 -15.99 -9.80
N PHE A 137 31.10 -17.20 -9.77
CA PHE A 137 31.04 -18.01 -8.57
C PHE A 137 31.33 -19.46 -8.83
N ASN A 138 30.93 -19.94 -10.00
CA ASN A 138 31.18 -21.32 -10.37
C ASN A 138 30.57 -22.27 -9.35
N ILE A 139 29.30 -22.07 -9.04
CA ILE A 139 28.45 -23.22 -8.59
C ILE A 139 27.91 -23.84 -9.87
N LYS A 140 27.69 -25.15 -9.84
CA LYS A 140 27.08 -25.76 -11.01
C LYS A 140 25.63 -26.08 -10.71
N ASN A 141 24.78 -25.77 -11.70
CA ASN A 141 23.37 -25.89 -11.56
C ASN A 141 23.06 -27.34 -11.39
N ASP A 142 22.47 -27.74 -10.28
CA ASP A 142 22.11 -29.15 -10.05
C ASP A 142 20.62 -29.37 -9.99
N PHE A 143 19.91 -28.65 -10.86
CA PHE A 143 18.44 -28.67 -10.91
C PHE A 143 17.95 -29.26 -12.25
N THR A 144 17.21 -30.37 -12.20
CA THR A 144 16.47 -30.88 -13.39
C THR A 144 15.48 -29.77 -13.77
N PRO A 145 15.29 -29.48 -15.07
CA PRO A 145 14.59 -28.19 -15.19
C PRO A 145 13.15 -28.33 -14.81
N GLU A 146 12.69 -29.53 -14.51
CA GLU A 146 11.37 -29.58 -13.88
C GLU A 146 11.37 -28.99 -12.45
N GLU A 147 12.36 -29.28 -11.61
CA GLU A 147 12.38 -28.72 -10.26
C GLU A 147 12.76 -27.24 -10.33
N GLU A 148 13.76 -26.89 -11.15
CA GLU A 148 14.13 -25.52 -11.31
C GLU A 148 13.07 -24.72 -11.99
N GLU A 149 11.84 -25.15 -11.98
CA GLU A 149 10.81 -24.37 -12.67
C GLU A 149 9.55 -24.41 -11.84
N GLU A 150 9.46 -25.39 -10.96
CA GLU A 150 8.37 -25.44 -10.02
C GLU A 150 8.77 -24.44 -8.96
N VAL A 151 10.07 -24.33 -8.74
CA VAL A 151 10.59 -23.51 -7.70
C VAL A 151 10.39 -22.04 -8.09
N ARG A 152 10.79 -21.67 -9.33
CA ARG A 152 10.56 -20.31 -9.86
C ARG A 152 9.09 -19.88 -9.93
N ARG A 153 8.24 -20.77 -10.43
CA ARG A 153 6.83 -20.42 -10.36
C ARG A 153 6.36 -20.08 -8.86
N GLU A 154 6.73 -20.86 -7.82
CA GLU A 154 6.45 -20.57 -6.36
C GLU A 154 7.00 -19.15 -5.93
N ASN A 155 8.32 -19.00 -6.12
CA ASN A 155 9.02 -17.78 -5.92
C ASN A 155 8.20 -16.62 -6.52
N GLN A 156 7.97 -16.60 -7.83
CA GLN A 156 7.40 -15.37 -8.35
C GLN A 156 5.89 -15.34 -8.09
N TRP A 157 5.22 -16.47 -7.98
CA TRP A 157 3.77 -16.31 -7.90
C TRP A 157 3.33 -16.06 -6.46
N ALA A 158 4.10 -16.63 -5.54
CA ALA A 158 3.62 -16.66 -4.14
C ALA A 158 4.43 -15.78 -3.19
N PHE A 159 5.70 -15.54 -3.48
CA PHE A 159 6.59 -14.88 -2.52
C PHE A 159 7.22 -13.63 -3.08
N GLU A 160 6.55 -12.90 -3.96
CA GLU A 160 7.26 -11.81 -4.55
C GLU A 160 6.37 -10.63 -4.90
N PRO B 10 32.33 -22.70 1.05
CA PRO B 10 31.81 -22.18 2.33
C PRO B 10 30.73 -23.13 2.87
N GLU B 11 29.99 -22.77 3.94
CA GLU B 11 28.76 -23.51 4.48
C GLU B 11 27.85 -22.77 5.57
N GLU B 12 28.41 -22.59 6.77
CA GLU B 12 27.75 -21.88 7.88
C GLU B 12 28.08 -20.41 7.78
N VAL B 13 29.07 -20.19 6.92
CA VAL B 13 29.39 -18.92 6.34
C VAL B 13 28.18 -18.45 5.58
N LEU B 14 27.58 -19.34 4.77
CA LEU B 14 26.41 -18.99 3.89
C LEU B 14 25.21 -18.52 4.69
N GLU B 15 24.93 -19.23 5.78
CA GLU B 15 24.00 -18.74 6.72
C GLU B 15 24.26 -17.24 7.00
N HIS B 16 25.53 -16.89 7.25
CA HIS B 16 25.89 -15.50 7.63
C HIS B 16 25.82 -14.51 6.47
N VAL B 17 26.24 -15.00 5.29
CA VAL B 17 26.13 -14.22 4.05
C VAL B 17 24.68 -13.92 3.69
N PHE B 18 23.79 -14.84 4.03
CA PHE B 18 22.40 -14.75 3.62
C PHE B 18 21.60 -13.76 4.47
N SER B 19 22.03 -13.62 5.73
CA SER B 19 21.39 -12.72 6.67
C SER B 19 21.51 -11.31 6.15
N PHE B 20 22.57 -11.01 5.42
CA PHE B 20 22.70 -9.73 4.74
C PHE B 20 21.75 -9.44 3.59
N ILE B 21 20.84 -10.36 3.30
CA ILE B 21 20.04 -10.29 2.06
C ILE B 21 18.62 -10.31 2.53
N GLN B 22 17.80 -9.35 2.14
CA GLN B 22 16.52 -9.19 2.85
C GLN B 22 15.37 -8.87 1.88
N LEU B 23 15.74 -8.51 0.65
CA LEU B 23 14.75 -8.34 -0.44
C LEU B 23 14.25 -9.71 -0.78
N ASP B 24 12.93 -9.83 -0.92
CA ASP B 24 12.36 -11.05 -1.50
C ASP B 24 13.00 -11.45 -2.86
N LYS B 25 13.02 -10.53 -3.84
CA LYS B 25 13.70 -10.81 -5.11
C LYS B 25 15.04 -11.49 -4.96
N ASP B 26 15.88 -11.03 -4.03
CA ASP B 26 17.23 -11.59 -3.83
C ASP B 26 17.26 -12.91 -3.10
N ARG B 27 16.31 -13.07 -2.21
CA ARG B 27 16.16 -14.28 -1.49
C ARG B 27 15.75 -15.37 -2.53
N ASN B 28 14.86 -15.04 -3.46
CA ASN B 28 14.32 -15.96 -4.44
C ASN B 28 15.41 -16.32 -5.42
N SER B 29 16.17 -15.28 -5.73
CA SER B 29 17.27 -15.44 -6.56
C SER B 29 18.23 -16.41 -5.92
N VAL B 30 18.63 -16.20 -4.67
CA VAL B 30 19.57 -17.20 -4.11
C VAL B 30 18.97 -18.59 -4.01
N SER B 31 17.66 -18.72 -3.84
CA SER B 31 17.09 -20.04 -3.71
C SER B 31 17.23 -20.88 -4.98
N LEU B 32 17.65 -20.24 -6.06
CA LEU B 32 17.56 -20.85 -7.38
C LEU B 32 18.93 -21.04 -7.98
N VAL B 33 19.93 -21.23 -7.14
CA VAL B 33 21.31 -21.12 -7.61
C VAL B 33 22.03 -22.43 -7.41
N CYS B 34 21.29 -23.45 -6.99
CA CYS B 34 21.89 -24.64 -6.45
C CYS B 34 20.96 -25.23 -5.41
N LYS B 35 20.91 -26.54 -5.35
CA LYS B 35 20.00 -27.20 -4.44
C LYS B 35 20.39 -26.93 -3.00
N SER B 36 21.68 -26.72 -2.78
CA SER B 36 22.19 -26.49 -1.44
C SER B 36 21.75 -25.14 -0.93
N TRP B 37 21.84 -24.14 -1.80
CA TRP B 37 21.37 -22.82 -1.50
C TRP B 37 19.88 -22.77 -1.26
N TYR B 38 19.12 -23.48 -2.07
CA TYR B 38 17.68 -23.52 -1.86
C TYR B 38 17.42 -23.89 -0.43
N GLU B 39 18.29 -24.72 0.11
CA GLU B 39 18.01 -25.38 1.40
C GLU B 39 18.48 -24.53 2.60
N ILE B 40 19.74 -24.08 2.54
CA ILE B 40 20.20 -23.16 3.56
C ILE B 40 19.22 -21.94 3.74
N GLU B 41 18.92 -21.27 2.60
CA GLU B 41 17.88 -20.28 2.46
C GLU B 41 16.54 -20.63 3.10
N ARG B 42 15.80 -21.64 2.68
CA ARG B 42 14.45 -21.74 3.26
C ARG B 42 14.61 -21.78 4.76
N TRP B 43 15.78 -22.24 5.23
CA TRP B 43 15.94 -22.49 6.68
C TRP B 43 16.12 -21.22 7.53
N CYS B 44 16.70 -20.21 6.89
CA CYS B 44 17.14 -19.02 7.53
C CYS B 44 16.46 -17.73 6.96
N ARG B 45 15.27 -17.92 6.34
CA ARG B 45 14.36 -16.86 5.91
C ARG B 45 13.37 -16.40 7.02
N ARG B 46 13.45 -15.08 7.31
CA ARG B 46 12.90 -14.43 8.52
C ARG B 46 11.54 -13.93 8.14
N LYS B 47 11.43 -13.32 6.94
CA LYS B 47 10.09 -12.87 6.47
C LYS B 47 9.59 -13.38 5.11
N VAL B 48 8.29 -13.63 5.09
CA VAL B 48 7.62 -13.86 3.81
C VAL B 48 6.63 -12.77 3.37
N PHE B 49 6.63 -12.38 2.09
CA PHE B 49 5.64 -11.43 1.52
C PHE B 49 4.56 -12.15 0.71
N ILE B 50 3.33 -12.11 1.17
CA ILE B 50 2.35 -12.77 0.32
C ILE B 50 1.36 -11.82 -0.28
N GLY B 51 1.65 -11.32 -1.48
CA GLY B 51 0.77 -10.32 -2.10
C GLY B 51 -0.70 -10.56 -2.39
N ASN B 52 -1.15 -11.80 -2.18
CA ASN B 52 -2.40 -12.31 -2.64
C ASN B 52 -2.53 -13.52 -1.83
N CYS B 53 -3.41 -13.47 -0.85
CA CYS B 53 -3.54 -14.59 0.01
C CYS B 53 -3.97 -15.88 -0.73
N TYR B 54 -4.54 -15.75 -1.91
CA TYR B 54 -5.10 -17.01 -2.53
C TYR B 54 -4.15 -17.69 -3.57
N ALA B 55 -2.95 -17.13 -3.71
CA ALA B 55 -1.97 -17.54 -4.66
C ALA B 55 -1.14 -18.70 -4.10
N VAL B 56 -1.39 -19.14 -2.87
CA VAL B 56 -0.52 -20.21 -2.32
C VAL B 56 -1.19 -20.57 -1.05
N SER B 57 -0.81 -21.65 -0.40
CA SER B 57 -1.61 -21.96 0.83
C SER B 57 -0.75 -21.95 2.12
N PRO B 58 -1.43 -21.76 3.22
CA PRO B 58 -0.71 -21.77 4.45
C PRO B 58 0.35 -22.90 4.43
N ALA B 59 -0.11 -24.14 4.31
CA ALA B 59 0.75 -25.29 4.50
C ALA B 59 1.88 -25.25 3.53
N THR B 60 1.68 -24.69 2.35
CA THR B 60 2.81 -24.72 1.45
C THR B 60 3.87 -23.82 1.99
N VAL B 61 3.42 -22.62 2.44
CA VAL B 61 4.29 -21.57 3.04
C VAL B 61 4.91 -22.18 4.31
N ILE B 62 4.09 -22.62 5.23
CA ILE B 62 4.67 -23.11 6.49
C ILE B 62 5.72 -24.20 6.23
N ARG B 63 5.64 -24.91 5.11
CA ARG B 63 6.47 -26.11 4.91
C ARG B 63 7.71 -25.77 4.12
N ARG B 64 7.67 -24.93 3.08
CA ARG B 64 8.99 -24.36 2.70
C ARG B 64 9.25 -23.50 3.97
N PHE B 65 10.33 -22.71 4.13
CA PHE B 65 10.24 -21.52 5.18
C PHE B 65 9.65 -21.79 6.61
N PRO B 66 10.30 -22.70 7.35
CA PRO B 66 9.60 -23.07 8.59
C PRO B 66 10.05 -22.23 9.77
N LYS B 67 11.05 -21.39 9.59
CA LYS B 67 11.61 -20.54 10.67
C LYS B 67 11.22 -19.01 10.53
N VAL B 68 9.96 -18.79 10.20
CA VAL B 68 9.56 -17.50 9.80
C VAL B 68 9.17 -16.71 11.03
N ARG B 69 9.72 -15.50 11.08
CA ARG B 69 9.44 -14.53 12.13
C ARG B 69 8.45 -13.48 11.72
N SER B 70 8.31 -13.21 10.43
CA SER B 70 7.41 -12.16 10.06
C SER B 70 6.52 -12.43 8.87
N VAL B 71 5.25 -12.11 8.98
CA VAL B 71 4.41 -12.50 7.83
C VAL B 71 3.60 -11.39 7.28
N GLU B 72 3.78 -11.06 6.02
CA GLU B 72 2.85 -10.08 5.40
C GLU B 72 1.86 -10.60 4.37
N LEU B 73 0.58 -10.32 4.52
CA LEU B 73 -0.41 -10.83 3.63
C LEU B 73 -1.46 -9.85 3.06
N LYS B 74 -1.68 -9.76 1.74
CA LYS B 74 -2.86 -8.96 1.30
C LYS B 74 -4.08 -9.79 0.72
N GLY B 75 -5.33 -9.53 1.16
CA GLY B 75 -6.57 -10.15 0.60
C GLY B 75 -7.24 -9.53 -0.65
N LYS B 76 -8.32 -8.77 -0.45
CA LYS B 76 -9.11 -8.25 -1.53
C LYS B 76 -8.30 -7.44 -2.50
N PRO B 77 -8.71 -7.44 -3.79
CA PRO B 77 -8.03 -6.47 -4.75
C PRO B 77 -8.30 -5.03 -4.31
N HIS B 78 -7.34 -4.16 -4.62
CA HIS B 78 -7.53 -2.74 -4.54
C HIS B 78 -8.93 -2.10 -4.76
N PHE B 79 -9.65 -2.39 -5.84
CA PHE B 79 -10.99 -1.77 -6.09
C PHE B 79 -12.01 -2.21 -5.05
N ALA B 80 -11.60 -3.01 -4.06
CA ALA B 80 -12.42 -3.16 -2.85
C ALA B 80 -12.57 -1.79 -2.07
N ASP B 81 -11.58 -0.90 -2.13
CA ASP B 81 -11.80 0.45 -1.61
C ASP B 81 -12.84 1.22 -2.35
N PHE B 82 -13.27 0.79 -3.55
CA PHE B 82 -14.28 1.59 -4.29
C PHE B 82 -15.62 0.95 -4.14
N ASN B 83 -15.69 0.10 -3.13
CA ASN B 83 -16.90 -0.71 -2.97
C ASN B 83 -17.34 -1.58 -4.14
N LEU B 84 -16.38 -2.20 -4.85
CA LEU B 84 -16.67 -2.90 -6.08
C LEU B 84 -16.52 -4.44 -5.89
N VAL B 85 -16.28 -4.86 -4.62
CA VAL B 85 -16.18 -6.29 -4.20
C VAL B 85 -17.19 -6.47 -3.03
N PRO B 86 -18.24 -7.21 -3.24
CA PRO B 86 -19.26 -7.16 -2.19
C PRO B 86 -18.86 -7.98 -1.01
N ASP B 87 -19.58 -7.86 0.10
CA ASP B 87 -19.19 -8.52 1.37
C ASP B 87 -19.22 -10.04 1.30
N GLY B 88 -18.20 -10.68 1.79
CA GLY B 88 -18.22 -12.12 1.88
C GLY B 88 -17.32 -12.67 0.81
N TRP B 89 -16.98 -11.84 -0.18
CA TRP B 89 -16.08 -12.30 -1.21
C TRP B 89 -15.00 -13.28 -0.70
N GLY B 90 -14.38 -12.95 0.43
CA GLY B 90 -13.12 -13.61 0.86
C GLY B 90 -12.13 -12.72 1.57
N GLY B 91 -10.93 -13.21 1.69
CA GLY B 91 -9.96 -12.54 2.47
C GLY B 91 -9.82 -13.08 3.87
N TYR B 92 -10.54 -14.14 4.25
CA TYR B 92 -10.45 -14.64 5.63
C TYR B 92 -8.98 -14.91 5.98
N VAL B 93 -8.53 -14.45 7.15
CA VAL B 93 -7.16 -14.64 7.53
C VAL B 93 -7.03 -15.87 8.47
N TYR B 94 -8.15 -16.26 9.08
CA TYR B 94 -8.12 -17.32 10.08
C TYR B 94 -7.26 -18.57 9.72
N PRO B 95 -7.51 -19.17 8.52
CA PRO B 95 -6.71 -20.34 8.13
C PRO B 95 -5.23 -20.12 8.29
N TRP B 96 -4.77 -18.87 8.15
CA TRP B 96 -3.34 -18.57 8.20
C TRP B 96 -2.86 -18.56 9.65
N ILE B 97 -3.68 -17.90 10.50
CA ILE B 97 -3.40 -17.79 11.90
C ILE B 97 -3.36 -19.20 12.46
N GLU B 98 -4.49 -19.90 12.34
CA GLU B 98 -4.49 -21.34 12.64
C GLU B 98 -3.36 -22.23 12.04
N ALA B 99 -3.07 -22.16 10.75
CA ALA B 99 -1.88 -22.86 10.33
C ALA B 99 -0.68 -22.42 11.10
N MET B 100 -0.23 -21.16 10.99
CA MET B 100 1.02 -20.65 11.67
C MET B 100 1.01 -20.81 13.22
N SER B 101 -0.22 -20.75 13.78
CA SER B 101 -0.45 -20.92 15.17
C SER B 101 0.28 -22.05 15.87
N SER B 102 0.76 -23.06 15.15
CA SER B 102 1.42 -24.18 15.82
C SER B 102 2.70 -24.53 15.11
N SER B 103 2.97 -23.85 14.01
CA SER B 103 4.25 -24.03 13.36
C SER B 103 5.23 -22.92 13.66
N TYR B 104 4.64 -21.76 13.95
CA TYR B 104 5.41 -20.50 13.96
C TYR B 104 5.48 -19.97 15.40
N THR B 105 5.90 -20.88 16.26
CA THR B 105 6.35 -20.57 17.62
C THR B 105 7.09 -19.18 17.81
N TRP B 106 8.14 -18.96 17.06
CA TRP B 106 8.78 -17.73 17.20
C TRP B 106 8.21 -16.51 16.42
N LEU B 107 6.91 -16.46 16.15
CA LEU B 107 6.46 -15.45 15.20
C LEU B 107 6.38 -14.10 15.86
N GLU B 108 6.92 -13.09 15.18
CA GLU B 108 6.94 -11.67 15.68
C GLU B 108 5.97 -10.65 15.08
N GLU B 109 5.91 -10.55 13.76
CA GLU B 109 5.06 -9.54 13.11
C GLU B 109 3.99 -10.22 12.23
N ILE B 110 2.82 -9.66 12.14
CA ILE B 110 1.89 -10.03 11.14
C ILE B 110 1.39 -8.72 10.51
N ARG B 111 1.67 -8.39 9.25
CA ARG B 111 1.05 -7.20 8.63
C ARG B 111 -0.02 -7.67 7.64
N LEU B 112 -1.28 -7.34 7.81
CA LEU B 112 -2.30 -7.81 6.89
C LEU B 112 -2.88 -6.65 6.07
N LYS B 113 -3.06 -6.79 4.75
CA LYS B 113 -3.80 -5.74 4.06
C LYS B 113 -5.08 -6.22 3.36
N ARG B 114 -6.16 -5.45 3.50
CA ARG B 114 -7.50 -5.79 3.27
C ARG B 114 -7.85 -7.23 3.50
N MET B 115 -7.95 -7.61 4.78
CA MET B 115 -8.40 -8.95 5.15
C MET B 115 -9.53 -9.03 6.05
N VAL B 116 -10.23 -10.14 6.10
CA VAL B 116 -11.21 -10.27 7.15
C VAL B 116 -10.49 -10.81 8.43
N VAL B 117 -10.69 -10.15 9.56
CA VAL B 117 -9.90 -10.52 10.77
C VAL B 117 -10.90 -10.49 11.86
N THR B 118 -10.87 -11.46 12.77
CA THR B 118 -11.99 -11.53 13.74
C THR B 118 -11.43 -11.72 15.16
N ASP B 119 -12.29 -11.56 16.18
CA ASP B 119 -11.85 -11.60 17.54
C ASP B 119 -11.18 -12.91 17.80
N ASP B 120 -11.71 -14.03 17.28
CA ASP B 120 -10.93 -15.25 17.57
C ASP B 120 -9.64 -15.43 16.84
N CYS B 121 -9.49 -14.70 15.75
CA CYS B 121 -8.17 -14.54 15.17
C CYS B 121 -7.19 -13.85 16.10
N LEU B 122 -7.70 -12.73 16.67
CA LEU B 122 -6.88 -11.91 17.53
C LEU B 122 -6.57 -12.65 18.81
N GLU B 123 -7.57 -13.36 19.37
CA GLU B 123 -7.32 -14.22 20.50
C GLU B 123 -6.18 -15.18 20.25
N LEU B 124 -6.14 -15.73 19.04
CA LEU B 124 -5.36 -16.94 18.80
C LEU B 124 -3.98 -16.47 18.56
N ILE B 125 -3.88 -15.35 17.86
CA ILE B 125 -2.59 -14.66 17.72
C ILE B 125 -1.97 -14.46 19.12
N ALA B 126 -2.82 -13.91 19.98
CA ALA B 126 -2.38 -13.56 21.30
C ALA B 126 -1.98 -14.81 22.05
N LYS B 127 -2.86 -15.84 22.05
CA LYS B 127 -2.51 -16.96 22.89
C LYS B 127 -1.33 -17.70 22.36
N SER B 128 -1.14 -17.76 21.05
CA SER B 128 -0.07 -18.62 20.57
C SER B 128 1.27 -17.99 20.32
N PHE B 129 1.40 -16.66 20.13
CA PHE B 129 2.75 -16.09 19.83
C PHE B 129 3.41 -15.30 21.00
N LYS B 130 4.35 -15.96 21.70
CA LYS B 130 4.71 -15.42 23.00
C LYS B 130 5.52 -14.16 22.75
N ASN B 131 6.51 -14.28 21.84
CA ASN B 131 7.30 -13.16 21.35
C ASN B 131 6.53 -12.25 20.43
N PHE B 132 5.21 -12.23 20.49
CA PHE B 132 4.58 -11.35 19.49
C PHE B 132 4.81 -9.80 19.59
N LYS B 133 5.24 -9.14 18.53
CA LYS B 133 5.57 -7.70 18.62
C LYS B 133 4.81 -6.73 17.71
N VAL B 134 4.48 -7.10 16.46
CA VAL B 134 4.02 -6.08 15.48
C VAL B 134 2.72 -6.51 14.88
N LEU B 135 1.64 -5.73 15.05
CA LEU B 135 0.38 -5.99 14.43
C LEU B 135 -0.07 -4.77 13.65
N VAL B 136 -0.12 -4.81 12.32
CA VAL B 136 -0.60 -3.73 11.46
C VAL B 136 -1.76 -4.34 10.72
N LEU B 137 -2.95 -3.83 10.98
CA LEU B 137 -4.10 -4.17 10.24
C LEU B 137 -4.56 -2.99 9.34
N SER B 138 -4.12 -3.00 8.08
CA SER B 138 -4.38 -1.94 7.11
C SER B 138 -5.69 -2.19 6.31
N SER B 139 -6.71 -1.40 6.55
CA SER B 139 -8.02 -1.64 5.91
C SER B 139 -8.50 -3.02 6.04
N CYS B 140 -8.46 -3.58 7.24
CA CYS B 140 -9.13 -4.78 7.53
C CYS B 140 -10.50 -4.47 8.07
N GLU B 141 -11.29 -5.55 8.24
CA GLU B 141 -12.55 -5.49 8.91
C GLU B 141 -12.87 -6.78 9.66
N GLY B 142 -13.98 -6.75 10.38
CA GLY B 142 -14.54 -7.88 11.01
C GLY B 142 -14.08 -8.24 12.39
N PHE B 143 -13.42 -7.30 13.12
CA PHE B 143 -13.16 -7.52 14.55
C PHE B 143 -13.77 -6.41 15.38
N SER B 144 -13.60 -6.47 16.69
CA SER B 144 -14.16 -5.38 17.47
C SER B 144 -13.12 -5.04 18.53
N THR B 145 -13.33 -3.93 19.20
CA THR B 145 -12.56 -3.62 20.39
C THR B 145 -12.40 -4.79 21.37
N ASP B 146 -13.29 -5.80 21.34
CA ASP B 146 -12.99 -6.99 22.19
C ASP B 146 -11.74 -7.69 21.80
N GLY B 147 -11.48 -7.69 20.49
CA GLY B 147 -10.33 -8.40 19.95
C GLY B 147 -9.07 -7.66 20.33
N LEU B 148 -9.12 -6.35 20.08
CA LEU B 148 -8.09 -5.43 20.61
C LEU B 148 -7.84 -5.65 22.13
N ALA B 149 -8.92 -5.72 22.94
CA ALA B 149 -8.76 -6.06 24.38
C ALA B 149 -7.79 -7.20 24.49
N ALA B 150 -8.12 -8.35 23.91
CA ALA B 150 -7.34 -9.55 24.09
C ALA B 150 -5.89 -9.37 23.78
N ILE B 151 -5.61 -8.66 22.68
CA ILE B 151 -4.22 -8.39 22.33
C ILE B 151 -3.50 -7.58 23.38
N ALA B 152 -4.14 -6.51 23.84
CA ALA B 152 -3.67 -5.67 24.96
C ALA B 152 -3.37 -6.43 26.27
N ALA B 153 -4.35 -7.25 26.67
CA ALA B 153 -4.23 -8.04 27.88
C ALA B 153 -3.10 -9.03 27.70
N THR B 154 -2.89 -9.62 26.50
CA THR B 154 -1.99 -10.81 26.46
C THR B 154 -0.58 -10.68 25.90
N CYS B 155 -0.44 -9.78 24.93
CA CYS B 155 0.89 -9.73 24.19
C CYS B 155 1.85 -8.91 24.91
N ARG B 156 2.68 -9.60 25.64
CA ARG B 156 3.42 -8.84 26.59
C ARG B 156 4.59 -8.12 25.91
N ASN B 157 4.87 -8.37 24.63
CA ASN B 157 5.99 -7.61 24.05
C ASN B 157 5.63 -6.82 22.87
N LEU B 158 4.35 -6.54 22.79
CA LEU B 158 3.90 -5.74 21.71
C LEU B 158 4.70 -4.46 21.67
N LYS B 159 5.22 -4.18 20.49
CA LYS B 159 5.87 -2.98 20.15
C LYS B 159 5.04 -2.08 19.22
N GLU B 160 4.12 -2.62 18.39
CA GLU B 160 3.31 -1.78 17.44
C GLU B 160 1.91 -2.25 17.31
N LEU B 161 0.95 -1.34 17.45
CA LEU B 161 -0.43 -1.71 17.25
C LEU B 161 -1.02 -0.69 16.29
N ASP B 162 -0.97 -1.03 15.03
CA ASP B 162 -1.20 -0.05 14.01
C ASP B 162 -2.51 -0.35 13.27
N LEU B 163 -3.55 0.46 13.45
CA LEU B 163 -4.83 0.08 12.84
C LEU B 163 -5.27 0.94 11.66
N ARG B 164 -4.33 1.41 10.86
CA ARG B 164 -4.70 2.30 9.77
C ARG B 164 -5.89 1.78 8.98
N GLU B 165 -7.02 2.43 9.14
CA GLU B 165 -8.01 2.53 8.09
C GLU B 165 -8.99 1.38 8.13
N SER B 166 -9.12 0.76 9.29
CA SER B 166 -9.93 -0.41 9.43
C SER B 166 -11.32 -0.04 9.93
N ASP B 167 -12.32 -0.77 9.45
CA ASP B 167 -13.60 -0.86 10.12
C ASP B 167 -13.46 -1.69 11.38
N VAL B 168 -13.38 -1.04 12.53
CA VAL B 168 -13.64 -1.76 13.77
C VAL B 168 -15.11 -1.75 14.25
N ASP B 169 -15.57 -2.90 14.75
CA ASP B 169 -16.77 -2.84 15.50
C ASP B 169 -16.48 -2.01 16.81
N ASP B 170 -17.13 -0.83 16.90
CA ASP B 170 -16.99 0.00 18.16
C ASP B 170 -17.82 -0.45 19.39
N VAL B 171 -17.34 -1.50 20.07
CA VAL B 171 -17.99 -1.98 21.27
C VAL B 171 -17.72 -0.96 22.42
N SER B 172 -16.51 -0.37 22.47
CA SER B 172 -16.18 0.58 23.52
C SER B 172 -14.65 0.80 23.76
N GLY B 173 -14.26 2.02 24.13
CA GLY B 173 -12.93 2.30 24.56
C GLY B 173 -12.25 1.51 25.67
N HIS B 174 -13.00 0.63 26.42
CA HIS B 174 -12.43 -0.20 27.54
C HIS B 174 -11.12 -0.97 27.16
N TRP B 175 -11.03 -1.33 25.85
CA TRP B 175 -9.99 -2.26 25.38
C TRP B 175 -8.64 -1.74 25.74
N LEU B 176 -8.39 -0.44 25.52
CA LEU B 176 -7.06 0.17 25.85
C LEU B 176 -6.57 -0.02 27.35
N SER B 177 -7.45 -0.11 28.33
CA SER B 177 -7.03 -0.37 29.71
C SER B 177 -6.53 -1.75 30.01
N HIS B 178 -6.72 -2.71 29.10
CA HIS B 178 -6.25 -4.03 29.45
C HIS B 178 -4.71 -4.15 29.36
N PHE B 179 -4.02 -3.15 28.77
CA PHE B 179 -2.55 -3.23 28.81
C PHE B 179 -2.20 -3.18 30.28
N PRO B 180 -1.55 -4.23 30.81
CA PRO B 180 -1.08 -4.20 32.21
C PRO B 180 -0.08 -3.09 32.55
N ASP B 181 -0.02 -2.75 33.83
CA ASP B 181 0.93 -1.79 34.32
C ASP B 181 2.35 -2.21 34.15
N THR B 182 2.58 -3.52 33.98
CA THR B 182 3.93 -3.96 33.74
C THR B 182 4.31 -3.74 32.28
N TYR B 183 3.38 -3.20 31.48
CA TYR B 183 3.63 -3.07 30.06
C TYR B 183 4.33 -1.77 29.74
N THR B 184 5.47 -1.91 29.04
CA THR B 184 6.18 -0.68 28.69
C THR B 184 6.72 -0.55 27.25
N SER B 185 6.59 -1.59 26.44
CA SER B 185 7.39 -1.71 25.24
C SER B 185 6.84 -1.02 23.97
N LEU B 186 5.64 -0.41 24.09
CA LEU B 186 4.98 0.28 22.96
C LEU B 186 5.89 1.17 22.22
N VAL B 187 5.85 1.09 20.89
CA VAL B 187 6.74 1.87 20.05
C VAL B 187 5.93 2.67 19.08
N SER B 188 4.69 2.21 18.81
CA SER B 188 3.87 2.73 17.74
C SER B 188 2.43 2.48 17.92
N LEU B 189 1.61 3.51 17.97
CA LEU B 189 0.23 3.24 18.26
C LEU B 189 -0.58 4.08 17.34
N ASN B 190 -1.42 3.44 16.51
CA ASN B 190 -2.13 4.24 15.49
C ASN B 190 -3.51 3.79 15.68
N ILE B 191 -4.32 4.59 16.33
CA ILE B 191 -5.70 4.24 16.52
C ILE B 191 -6.55 5.22 15.81
N SER B 192 -6.10 5.93 14.78
CA SER B 192 -6.99 6.90 14.10
C SER B 192 -8.29 6.38 13.58
N CYS B 193 -8.57 5.10 13.54
CA CYS B 193 -9.86 4.81 12.90
C CYS B 193 -10.92 4.51 13.98
N LEU B 194 -10.52 4.41 15.22
CA LEU B 194 -11.46 4.07 16.22
C LEU B 194 -12.40 5.23 16.40
N ALA B 195 -13.71 5.10 16.36
CA ALA B 195 -14.63 6.15 16.91
C ALA B 195 -14.76 6.04 18.45
N SER B 196 -14.79 4.83 18.99
CA SER B 196 -14.95 4.59 20.42
C SER B 196 -13.89 5.49 21.13
N GLU B 197 -14.30 6.13 22.22
CA GLU B 197 -13.42 6.99 22.99
C GLU B 197 -12.75 6.19 24.05
N VAL B 198 -11.47 6.10 23.89
CA VAL B 198 -10.64 5.43 24.81
C VAL B 198 -10.63 6.24 26.12
N SER B 199 -10.06 5.70 27.20
CA SER B 199 -10.05 6.43 28.48
C SER B 199 -8.79 7.27 28.52
N PHE B 200 -8.97 8.56 28.78
CA PHE B 200 -7.86 9.41 28.74
C PHE B 200 -6.81 9.11 29.81
N SER B 201 -7.23 8.69 31.02
CA SER B 201 -6.32 8.32 32.12
C SER B 201 -5.51 7.15 31.65
N ALA B 202 -6.18 6.06 31.26
CA ALA B 202 -5.40 4.86 30.77
C ALA B 202 -4.35 5.24 29.73
N LEU B 203 -4.80 6.04 28.76
CA LEU B 203 -3.97 6.40 27.68
C LEU B 203 -2.78 7.18 28.17
N GLU B 204 -3.05 8.21 28.96
CA GLU B 204 -1.95 9.00 29.49
C GLU B 204 -0.99 8.20 30.34
N ARG B 205 -1.57 7.35 31.14
CA ARG B 205 -0.75 6.55 32.01
C ARG B 205 0.14 5.66 31.09
N LEU B 206 -0.50 5.05 30.10
CA LEU B 206 0.21 4.37 29.02
C LEU B 206 1.34 5.12 28.29
N VAL B 207 1.08 6.29 27.72
CA VAL B 207 2.17 7.04 27.11
C VAL B 207 3.37 7.29 28.05
N THR B 208 3.08 7.46 29.35
CA THR B 208 4.13 7.84 30.30
C THR B 208 5.12 6.69 30.57
N ARG B 209 4.60 5.55 31.03
CA ARG B 209 5.43 4.28 31.12
C ARG B 209 5.92 3.70 29.77
N CYS B 210 5.56 4.26 28.61
CA CYS B 210 6.30 3.87 27.37
C CYS B 210 7.45 4.73 26.86
N PRO B 211 8.60 4.48 27.36
CA PRO B 211 9.75 5.32 26.99
C PRO B 211 10.12 5.20 25.51
N ASN B 212 9.74 4.12 24.84
CA ASN B 212 10.15 4.02 23.43
C ASN B 212 9.07 4.43 22.45
N LEU B 213 8.00 5.00 22.95
CA LEU B 213 6.90 5.33 22.12
C LEU B 213 7.40 6.31 21.10
N LYS B 214 7.22 6.01 19.84
CA LYS B 214 7.87 6.80 18.85
C LYS B 214 6.91 7.41 17.81
N SER B 215 5.69 6.84 17.73
CA SER B 215 4.73 7.26 16.76
C SER B 215 3.43 7.16 17.49
N LEU B 216 2.63 8.22 17.62
CA LEU B 216 1.38 8.03 18.32
C LEU B 216 0.40 8.77 17.52
N LYS B 217 -0.73 8.09 17.19
CA LYS B 217 -1.70 8.62 16.25
C LYS B 217 -3.06 8.34 16.78
N LEU B 218 -3.86 9.38 16.85
CA LEU B 218 -4.83 9.43 17.91
C LEU B 218 -6.15 9.41 17.23
N ASN B 219 -7.22 9.00 17.92
CA ASN B 219 -8.50 9.30 17.38
C ASN B 219 -9.14 10.65 17.67
N ARG B 220 -10.05 10.94 16.81
CA ARG B 220 -10.78 12.12 16.97
C ARG B 220 -11.27 12.38 18.37
N ALA B 221 -11.51 11.36 19.16
CA ALA B 221 -12.29 11.58 20.37
C ALA B 221 -11.36 12.17 21.43
N VAL B 222 -10.09 12.40 21.08
CA VAL B 222 -9.15 12.83 22.03
C VAL B 222 -9.09 14.29 21.70
N PRO B 223 -9.71 15.15 22.57
CA PRO B 223 -9.99 16.56 22.25
C PRO B 223 -8.66 17.37 22.30
N LEU B 224 -8.61 18.45 21.54
CA LEU B 224 -7.37 19.20 21.32
C LEU B 224 -6.75 19.65 22.65
N GLU B 225 -7.61 20.08 23.55
CA GLU B 225 -7.22 20.44 24.91
C GLU B 225 -6.36 19.46 25.63
N LYS B 226 -6.33 18.19 25.20
CA LYS B 226 -5.64 17.20 26.04
C LYS B 226 -4.42 16.83 25.38
N LEU B 227 -4.31 17.35 24.19
CA LEU B 227 -3.12 16.99 23.42
C LEU B 227 -1.88 17.30 24.18
N ALA B 228 -1.86 18.48 24.75
CA ALA B 228 -0.68 19.08 25.37
C ALA B 228 -0.14 18.18 26.46
N THR B 229 -1.06 17.67 27.27
CA THR B 229 -0.74 16.75 28.33
C THR B 229 -0.06 15.50 27.88
N LEU B 230 -0.53 14.84 26.78
CA LEU B 230 0.12 13.62 26.30
C LEU B 230 1.39 13.97 25.72
N LEU B 231 1.44 15.02 24.89
CA LEU B 231 2.77 15.38 24.46
C LEU B 231 3.78 15.66 25.58
N GLN B 232 3.41 16.32 26.73
CA GLN B 232 4.52 16.59 27.76
C GLN B 232 5.02 15.22 28.28
N ARG B 233 4.14 14.20 28.32
CA ARG B 233 4.53 12.79 28.60
C ARG B 233 5.33 12.06 27.52
N ALA B 234 5.48 12.59 26.32
CA ALA B 234 6.06 11.79 25.26
C ALA B 234 7.00 12.63 24.48
N PRO B 235 7.99 13.16 25.14
CA PRO B 235 8.68 14.23 24.36
C PRO B 235 9.59 13.66 23.23
N GLN B 236 9.75 12.35 23.15
CA GLN B 236 10.60 11.74 22.09
C GLN B 236 9.78 11.43 20.79
N LEU B 237 8.46 11.60 20.75
CA LEU B 237 7.73 11.35 19.49
C LEU B 237 8.47 11.74 18.17
N GLU B 238 8.71 10.79 17.26
CA GLU B 238 8.98 11.10 15.87
C GLU B 238 7.80 11.43 15.01
N GLU B 239 6.61 10.90 15.37
CA GLU B 239 5.45 11.28 14.58
C GLU B 239 4.22 11.32 15.42
N LEU B 240 3.31 12.19 15.03
CA LEU B 240 2.21 12.39 15.87
C LEU B 240 0.99 12.52 14.96
N GLY B 241 -0.14 11.91 15.38
CA GLY B 241 -1.32 12.31 14.72
C GLY B 241 -2.29 12.87 15.75
N THR B 242 -2.84 14.07 15.49
CA THR B 242 -3.52 14.81 16.56
C THR B 242 -4.84 14.08 16.74
N GLY B 243 -5.83 14.65 17.45
CA GLY B 243 -7.06 13.98 17.83
C GLY B 243 -7.91 15.05 17.24
N GLY B 244 -9.14 15.23 17.76
CA GLY B 244 -9.84 16.48 17.49
C GLY B 244 -8.84 17.67 17.61
N TYR B 245 -9.06 18.68 16.79
CA TYR B 245 -8.16 19.79 16.72
C TYR B 245 -8.99 21.04 16.68
N THR B 246 -10.06 21.00 17.47
CA THR B 246 -10.89 22.16 17.67
C THR B 246 -11.11 22.52 19.15
N ALA B 247 -11.50 23.78 19.43
CA ALA B 247 -11.59 24.29 20.83
C ALA B 247 -12.02 25.67 20.76
N GLU B 248 -12.70 26.16 21.82
CA GLU B 248 -12.79 27.63 22.11
C GLU B 248 -11.37 28.29 21.93
N VAL B 249 -11.27 29.39 21.19
CA VAL B 249 -9.96 30.06 21.07
C VAL B 249 -9.58 30.79 22.43
N ARG B 250 -8.44 30.42 23.03
CA ARG B 250 -8.05 30.85 24.42
C ARG B 250 -6.54 30.86 24.40
N PRO B 251 -5.87 31.86 25.05
CA PRO B 251 -4.40 31.69 24.95
C PRO B 251 -3.71 30.79 26.00
N ASP B 252 -4.34 30.44 27.11
CA ASP B 252 -3.73 29.38 27.98
C ASP B 252 -3.52 28.12 27.09
N VAL B 253 -4.67 27.73 26.47
CA VAL B 253 -4.78 26.60 25.59
C VAL B 253 -3.84 26.67 24.41
N TYR B 254 -3.89 27.73 23.60
CA TYR B 254 -2.94 27.81 22.49
C TYR B 254 -1.54 27.70 23.07
N SER B 255 -1.27 28.35 24.19
CA SER B 255 0.10 28.38 24.67
C SER B 255 0.62 27.02 25.16
N GLY B 256 -0.23 26.25 25.85
CA GLY B 256 0.22 24.94 26.37
C GLY B 256 0.58 23.96 25.22
N LEU B 257 -0.19 24.07 24.12
CA LEU B 257 -0.01 23.39 22.89
C LEU B 257 1.32 23.72 22.36
N SER B 258 1.51 25.01 22.12
CA SER B 258 2.75 25.48 21.54
C SER B 258 4.03 25.00 22.23
N VAL B 259 3.96 24.98 23.55
CA VAL B 259 5.15 24.70 24.34
C VAL B 259 5.41 23.20 24.24
N ALA B 260 4.32 22.44 24.45
CA ALA B 260 4.27 20.97 24.39
C ALA B 260 4.92 20.49 23.08
N LEU B 261 4.46 21.10 21.98
CA LEU B 261 5.02 20.83 20.64
C LEU B 261 6.47 21.13 20.50
N SER B 262 6.93 22.34 20.80
CA SER B 262 8.40 22.63 20.83
C SER B 262 9.16 21.74 21.78
N GLY B 263 8.50 21.21 22.78
CA GLY B 263 9.07 20.13 23.57
C GLY B 263 9.52 18.90 22.75
N CYS B 264 8.82 18.57 21.67
CA CYS B 264 9.20 17.35 20.90
C CYS B 264 10.17 17.73 19.77
N LYS B 265 11.46 17.68 20.04
CA LYS B 265 12.44 18.17 19.05
C LYS B 265 12.71 17.15 17.96
N GLU B 266 12.18 15.94 18.14
CA GLU B 266 12.30 14.84 17.22
C GLU B 266 11.02 14.63 16.28
N LEU B 267 9.83 15.19 16.52
CA LEU B 267 8.81 15.22 15.47
C LEU B 267 9.26 15.50 14.05
N ARG B 268 8.86 14.59 13.15
CA ARG B 268 9.03 14.75 11.72
C ARG B 268 7.69 14.59 11.02
N CYS B 269 6.71 14.01 11.70
CA CYS B 269 5.48 13.69 11.04
C CYS B 269 4.25 14.09 11.69
N LEU B 270 3.48 14.80 10.96
CA LEU B 270 2.32 15.30 11.55
C LEU B 270 1.07 14.91 10.76
N SER B 271 -0.02 14.59 11.47
CA SER B 271 -1.30 14.46 10.82
C SER B 271 -2.43 14.51 11.80
N GLY B 272 -3.64 14.34 11.30
CA GLY B 272 -4.83 14.26 12.14
C GLY B 272 -5.63 15.48 11.72
N PHE B 273 -5.77 16.48 12.66
CA PHE B 273 -6.19 17.84 12.34
C PHE B 273 -7.63 17.91 11.96
N TRP B 274 -8.40 16.99 12.48
CA TRP B 274 -9.85 16.95 12.31
C TRP B 274 -10.64 18.17 12.75
N ASP B 275 -11.60 18.61 11.95
CA ASP B 275 -12.31 19.83 12.30
C ASP B 275 -11.32 20.98 12.59
N ALA B 276 -10.11 21.05 12.03
CA ALA B 276 -9.13 22.06 12.48
C ALA B 276 -9.60 23.54 12.51
N VAL B 277 -9.18 24.26 13.56
CA VAL B 277 -9.60 25.65 13.72
C VAL B 277 -8.41 26.49 13.22
N PRO B 278 -8.59 27.33 12.23
CA PRO B 278 -7.33 27.97 11.82
C PRO B 278 -6.45 28.64 12.94
N ALA B 279 -7.06 29.44 13.82
CA ALA B 279 -6.51 29.90 15.08
C ALA B 279 -5.54 29.00 15.80
N TYR B 280 -5.73 27.67 15.72
CA TYR B 280 -4.91 26.74 16.49
C TYR B 280 -3.81 25.97 15.71
N LEU B 281 -3.75 26.12 14.39
CA LEU B 281 -2.60 25.59 13.61
C LEU B 281 -1.23 26.15 13.88
N PRO B 282 -1.15 27.50 14.08
CA PRO B 282 0.23 28.10 14.18
C PRO B 282 1.08 27.54 15.33
N ALA B 283 0.43 27.03 16.40
CA ALA B 283 1.16 26.22 17.41
C ALA B 283 2.17 25.20 16.83
N VAL B 284 1.84 24.66 15.64
CA VAL B 284 2.62 23.54 15.08
C VAL B 284 3.96 24.05 14.45
N TYR B 285 4.36 25.31 14.75
CA TYR B 285 5.36 26.00 13.95
C TYR B 285 6.78 25.82 14.31
N SER B 286 7.13 25.74 15.57
CA SER B 286 8.51 25.26 15.92
C SER B 286 8.94 23.91 15.22
N VAL B 287 7.95 23.02 15.15
CA VAL B 287 7.97 21.74 14.48
C VAL B 287 8.22 21.84 12.98
N CYS B 288 7.55 22.81 12.36
CA CYS B 288 7.49 22.95 10.94
C CYS B 288 8.68 22.82 10.13
N SER B 289 9.86 22.89 10.67
CA SER B 289 10.92 23.30 9.80
C SER B 289 11.87 22.18 9.79
N ARG B 290 11.56 21.24 10.66
CA ARG B 290 12.24 19.97 10.64
C ARG B 290 11.41 18.87 9.96
N LEU B 291 10.22 19.25 9.51
CA LEU B 291 9.12 18.38 9.23
C LEU B 291 9.17 17.71 7.82
N THR B 292 9.15 16.36 7.76
CA THR B 292 9.23 15.60 6.44
C THR B 292 7.89 15.22 5.77
N THR B 293 7.01 14.68 6.58
CA THR B 293 5.66 14.35 6.16
C THR B 293 4.68 15.28 6.85
N LEU B 294 3.76 15.82 6.07
CA LEU B 294 2.56 16.45 6.58
C LEU B 294 1.29 15.99 5.87
N ASN B 295 0.27 15.71 6.68
CA ASN B 295 -0.99 15.31 6.22
C ASN B 295 -2.16 16.12 6.69
N LEU B 296 -2.58 16.97 5.82
CA LEU B 296 -3.67 17.85 6.15
C LEU B 296 -5.01 17.45 5.51
N SER B 297 -5.08 16.22 5.01
CA SER B 297 -6.34 15.61 4.42
C SER B 297 -7.62 15.89 5.08
N TYR B 298 -7.69 15.79 6.39
CA TYR B 298 -8.95 16.18 7.03
C TYR B 298 -9.10 17.62 7.49
N ALA B 299 -8.08 18.43 7.29
CA ALA B 299 -8.18 19.79 7.67
C ALA B 299 -8.95 20.57 6.56
N THR B 300 -10.11 21.13 6.88
CA THR B 300 -10.79 21.85 5.85
C THR B 300 -10.54 23.34 6.12
N VAL B 301 -9.41 23.81 5.62
CA VAL B 301 -8.87 25.03 6.06
C VAL B 301 -8.41 25.71 4.77
N GLN B 302 -8.67 27.01 4.58
CA GLN B 302 -8.56 27.60 3.28
C GLN B 302 -7.16 27.84 2.91
N SER B 303 -7.04 28.34 1.71
CA SER B 303 -5.75 28.36 1.08
C SER B 303 -4.62 29.06 1.87
N TYR B 304 -4.86 30.37 2.16
CA TYR B 304 -3.93 31.23 2.94
C TYR B 304 -3.39 30.56 4.27
N ASP B 305 -4.34 30.10 5.12
CA ASP B 305 -3.95 29.15 6.15
C ASP B 305 -3.06 28.00 5.71
N LEU B 306 -3.30 27.30 4.57
CA LEU B 306 -2.36 26.23 4.38
C LEU B 306 -1.10 26.88 4.02
N VAL B 307 -1.22 27.91 3.20
CA VAL B 307 0.02 28.50 2.74
C VAL B 307 0.93 29.07 3.92
N LYS B 308 0.32 29.68 4.96
CA LYS B 308 1.11 30.05 6.16
C LYS B 308 1.83 28.88 6.78
N LEU B 309 1.08 27.83 7.06
CA LEU B 309 1.74 26.59 7.41
C LEU B 309 2.85 26.12 6.46
N LEU B 310 2.62 26.05 5.15
CA LEU B 310 3.69 25.43 4.34
C LEU B 310 4.92 26.26 4.14
N CYS B 311 4.75 27.58 4.06
CA CYS B 311 5.89 28.52 4.06
C CYS B 311 7.10 28.21 4.93
N GLN B 312 6.86 27.56 6.05
CA GLN B 312 7.94 27.26 6.95
C GLN B 312 8.27 25.77 7.19
N CYS B 313 8.10 25.01 6.08
CA CYS B 313 8.41 23.61 6.06
C CYS B 313 9.50 23.36 5.01
N PRO B 314 10.60 24.11 5.01
CA PRO B 314 11.50 23.81 3.86
C PRO B 314 11.94 22.35 3.70
N LYS B 315 11.68 21.52 4.69
CA LYS B 315 12.31 20.19 4.58
C LYS B 315 11.35 19.04 4.09
N LEU B 316 10.09 19.45 3.99
CA LEU B 316 8.89 18.69 3.63
C LEU B 316 9.13 17.78 2.37
N GLN B 317 8.80 16.49 2.50
CA GLN B 317 9.13 15.48 1.51
C GLN B 317 7.84 14.84 0.95
N ARG B 318 6.77 14.93 1.77
CA ARG B 318 5.50 14.38 1.49
C ARG B 318 4.34 15.26 1.90
N LEU B 319 3.42 15.56 1.01
CA LEU B 319 2.31 16.37 1.46
C LEU B 319 1.00 15.81 0.87
N TRP B 320 0.12 15.41 1.72
CA TRP B 320 -1.22 15.21 1.43
C TRP B 320 -2.04 16.38 1.97
N VAL B 321 -2.94 16.91 1.16
CA VAL B 321 -3.64 18.15 1.46
C VAL B 321 -4.95 18.09 0.76
N LEU B 322 -6.09 18.57 1.28
CA LEU B 322 -7.25 18.90 0.42
C LEU B 322 -6.96 19.96 -0.60
N ASP B 323 -7.98 20.38 -1.34
CA ASP B 323 -7.69 21.01 -2.66
C ASP B 323 -7.97 22.47 -2.47
N TYR B 324 -8.67 22.72 -1.36
CA TYR B 324 -8.63 24.00 -0.57
C TYR B 324 -7.21 24.65 -0.70
N ILE B 325 -6.12 23.89 -0.67
CA ILE B 325 -4.86 24.57 -1.02
C ILE B 325 -5.19 25.14 -2.33
N GLU B 326 -4.42 25.77 -3.18
CA GLU B 326 -5.20 25.80 -4.56
C GLU B 326 -4.23 25.98 -5.59
N ASP B 327 -4.53 26.52 -6.74
CA ASP B 327 -3.33 26.85 -7.59
C ASP B 327 -2.26 27.73 -6.88
N ALA B 328 -2.67 28.90 -6.34
CA ALA B 328 -1.81 29.86 -5.55
C ALA B 328 -1.11 29.09 -4.45
N GLY B 329 -1.89 28.35 -3.63
CA GLY B 329 -1.32 27.34 -2.74
C GLY B 329 -0.04 26.72 -3.29
N LEU B 330 -0.20 26.05 -4.46
CA LEU B 330 0.79 25.14 -4.92
C LEU B 330 1.94 25.85 -5.57
N GLU B 331 1.65 27.02 -6.14
CA GLU B 331 2.72 27.90 -6.66
C GLU B 331 3.72 28.23 -5.48
N VAL B 332 3.13 28.55 -4.30
CA VAL B 332 3.95 28.57 -3.10
C VAL B 332 4.73 27.30 -2.82
N LEU B 333 4.07 26.21 -2.45
CA LEU B 333 4.83 24.86 -2.36
C LEU B 333 5.94 24.68 -3.38
N ALA B 334 5.67 25.11 -4.60
CA ALA B 334 6.68 24.99 -5.62
C ALA B 334 7.98 25.75 -5.29
N SER B 335 7.89 26.96 -4.71
CA SER B 335 9.15 27.74 -4.46
C SER B 335 9.68 27.35 -3.15
N THR B 336 8.79 27.02 -2.24
CA THR B 336 9.12 26.57 -0.88
C THR B 336 9.80 25.20 -0.57
N CYS B 337 9.21 24.07 -0.95
CA CYS B 337 9.74 22.77 -0.52
C CYS B 337 10.57 22.10 -1.58
N LYS B 338 11.78 22.59 -1.85
CA LYS B 338 12.61 22.02 -2.96
C LYS B 338 12.84 20.53 -2.80
N ASP B 339 12.39 19.99 -1.68
CA ASP B 339 12.73 18.55 -1.42
C ASP B 339 11.43 17.70 -1.51
N LEU B 340 10.29 18.26 -1.91
CA LEU B 340 9.07 17.51 -1.97
C LEU B 340 9.24 16.32 -2.93
N ARG B 341 8.87 15.12 -2.44
CA ARG B 341 8.93 13.87 -3.19
C ARG B 341 7.53 13.37 -3.66
N GLU B 342 6.49 13.52 -2.86
CA GLU B 342 5.19 12.90 -3.11
C GLU B 342 4.17 13.97 -2.80
N LEU B 343 3.17 14.18 -3.66
CA LEU B 343 2.16 15.20 -3.41
C LEU B 343 0.80 14.56 -3.69
N ARG B 344 -0.15 14.68 -2.78
CA ARG B 344 -1.51 14.11 -2.98
C ARG B 344 -2.50 15.22 -2.59
N VAL B 345 -3.28 15.67 -3.59
CA VAL B 345 -4.36 16.59 -3.41
C VAL B 345 -5.72 15.86 -3.52
N PHE B 346 -6.43 15.84 -2.42
CA PHE B 346 -7.67 15.18 -2.40
C PHE B 346 -8.76 16.15 -2.76
N PRO B 347 -9.93 15.62 -3.04
CA PRO B 347 -10.95 16.57 -3.54
C PRO B 347 -11.74 17.05 -2.36
N SER B 348 -12.36 18.23 -2.42
CA SER B 348 -12.99 18.72 -1.19
C SER B 348 -14.48 18.44 -1.22
N GLU B 349 -15.13 18.63 -2.36
CA GLU B 349 -16.45 18.03 -2.45
C GLU B 349 -16.76 17.56 -3.87
N PRO B 350 -16.63 16.26 -4.06
CA PRO B 350 -16.78 15.65 -5.43
C PRO B 350 -18.16 15.50 -6.11
N PHE B 351 -19.22 15.28 -5.34
CA PHE B 351 -20.58 15.04 -5.94
C PHE B 351 -21.33 16.32 -6.42
N VAL B 352 -20.70 17.45 -6.10
CA VAL B 352 -20.94 18.77 -6.66
C VAL B 352 -19.94 18.91 -7.85
N MET B 353 -20.47 19.24 -9.02
CA MET B 353 -19.74 19.42 -10.31
C MET B 353 -18.99 20.80 -10.39
N GLU B 354 -19.04 21.54 -9.27
CA GLU B 354 -18.97 23.02 -9.20
C GLU B 354 -17.70 23.55 -8.68
N PRO B 355 -16.75 23.93 -9.54
CA PRO B 355 -15.52 24.24 -8.78
C PRO B 355 -15.86 25.00 -7.44
N ASN B 356 -15.68 24.35 -6.30
CA ASN B 356 -15.80 25.08 -5.05
C ASN B 356 -14.44 25.64 -4.65
N VAL B 357 -13.36 25.26 -5.32
CA VAL B 357 -12.04 25.76 -5.00
C VAL B 357 -11.48 26.07 -6.34
N ALA B 358 -10.29 26.63 -6.41
CA ALA B 358 -9.78 27.13 -7.64
C ALA B 358 -8.59 26.29 -7.87
N LEU B 359 -8.74 24.97 -7.75
CA LEU B 359 -7.61 24.13 -7.98
C LEU B 359 -7.80 23.66 -9.43
N THR B 360 -6.85 23.93 -10.32
CA THR B 360 -6.90 23.50 -11.67
C THR B 360 -5.61 22.71 -11.94
N GLU B 361 -5.15 22.68 -13.17
CA GLU B 361 -4.03 21.92 -13.55
C GLU B 361 -2.86 22.82 -13.49
N GLN B 362 -3.08 24.15 -13.50
CA GLN B 362 -1.88 25.00 -13.25
C GLN B 362 -1.14 24.57 -11.96
N GLY B 363 -1.83 24.09 -10.93
CA GLY B 363 -1.20 23.59 -9.74
C GLY B 363 -0.17 22.57 -10.05
N LEU B 364 -0.65 21.38 -10.42
CA LEU B 364 0.26 20.31 -10.82
C LEU B 364 1.39 20.77 -11.73
N VAL B 365 1.05 21.63 -12.67
CA VAL B 365 2.11 22.13 -13.57
C VAL B 365 3.22 22.88 -12.77
N SER B 366 2.80 23.83 -11.89
CA SER B 366 3.72 24.57 -10.96
C SER B 366 4.60 23.65 -10.20
N VAL B 367 3.93 22.76 -9.49
CA VAL B 367 4.67 21.92 -8.61
C VAL B 367 5.76 21.29 -9.35
N SER B 368 5.49 20.91 -10.60
CA SER B 368 6.40 20.03 -11.31
C SER B 368 7.56 20.71 -11.91
N MET B 369 7.41 21.97 -12.41
CA MET B 369 8.61 22.86 -12.63
C MET B 369 9.45 23.07 -11.34
N GLY B 370 8.71 23.25 -10.21
CA GLY B 370 9.30 23.68 -8.93
C GLY B 370 10.01 22.64 -8.06
N CYS B 371 9.69 21.35 -8.19
CA CYS B 371 10.30 20.44 -7.23
C CYS B 371 11.09 19.39 -7.91
N PRO B 372 12.36 19.63 -8.08
CA PRO B 372 13.12 18.65 -8.91
C PRO B 372 12.98 17.18 -8.45
N LYS B 373 12.54 16.94 -7.22
CA LYS B 373 12.42 15.55 -6.76
C LYS B 373 10.97 15.05 -6.72
N LEU B 374 9.98 15.82 -7.20
CA LEU B 374 8.62 15.23 -7.34
C LEU B 374 8.71 13.91 -8.22
N GLU B 375 8.29 12.82 -7.59
CA GLU B 375 8.37 11.55 -8.29
C GLU B 375 7.05 10.78 -8.12
N SER B 376 6.20 11.20 -7.15
CA SER B 376 4.91 10.57 -6.89
C SER B 376 3.72 11.52 -6.80
N VAL B 377 2.66 11.36 -7.56
CA VAL B 377 1.55 12.30 -7.59
C VAL B 377 0.20 11.59 -7.58
N LEU B 378 -0.79 12.13 -6.91
CA LEU B 378 -2.13 11.73 -6.87
C LEU B 378 -2.89 13.06 -6.85
N TYR B 379 -3.79 13.36 -7.77
CA TYR B 379 -4.26 14.72 -7.94
C TYR B 379 -5.69 14.69 -8.45
N PHE B 380 -6.63 15.29 -7.73
CA PHE B 380 -7.98 15.40 -8.23
C PHE B 380 -8.24 16.81 -8.69
N CYS B 381 -8.31 17.07 -9.99
CA CYS B 381 -8.89 18.34 -10.45
C CYS B 381 -10.15 18.05 -11.21
N ARG B 382 -10.75 19.09 -11.72
CA ARG B 382 -11.95 19.03 -12.50
C ARG B 382 -11.70 19.35 -13.93
N GLN B 383 -10.46 19.39 -14.45
CA GLN B 383 -10.21 19.99 -15.77
C GLN B 383 -8.77 19.79 -16.02
N MET B 384 -8.37 19.83 -17.31
CA MET B 384 -7.03 19.32 -17.70
C MET B 384 -6.78 19.62 -19.17
N THR B 385 -5.52 19.45 -19.65
CA THR B 385 -5.16 19.71 -21.00
C THR B 385 -3.88 18.91 -21.35
N ASN B 386 -3.63 18.69 -22.65
CA ASN B 386 -2.53 17.89 -23.00
C ASN B 386 -1.34 18.80 -22.86
N ALA B 387 -1.53 20.11 -23.04
CA ALA B 387 -0.43 21.09 -22.78
C ALA B 387 0.10 20.89 -21.30
N ALA B 388 -0.81 20.83 -20.30
CA ALA B 388 -0.37 20.52 -18.94
C ALA B 388 0.48 19.23 -18.85
N LEU B 389 -0.11 18.06 -19.17
CA LEU B 389 0.64 16.75 -19.16
C LEU B 389 1.96 16.73 -20.00
N ILE B 390 1.90 17.41 -21.12
CA ILE B 390 3.10 17.47 -21.88
C ILE B 390 4.14 18.17 -21.09
N THR B 391 3.77 19.34 -20.51
CA THR B 391 4.72 20.04 -19.65
C THR B 391 5.14 19.25 -18.38
N ILE B 392 4.12 18.75 -17.65
CA ILE B 392 4.44 17.98 -16.50
C ILE B 392 5.50 16.93 -16.93
N ALA B 393 5.38 16.31 -18.14
CA ALA B 393 6.19 15.08 -18.41
C ALA B 393 7.52 15.58 -18.83
N ARG B 394 7.52 16.69 -19.55
CA ARG B 394 8.78 17.29 -19.98
C ARG B 394 9.54 17.67 -18.70
N ASN B 395 8.91 18.32 -17.72
CA ASN B 395 9.66 18.62 -16.50
C ASN B 395 10.02 17.47 -15.54
N ARG B 396 9.18 16.42 -15.40
CA ARG B 396 9.58 15.37 -14.50
C ARG B 396 9.87 14.00 -15.17
N PRO B 397 10.91 13.96 -15.98
CA PRO B 397 11.32 12.65 -16.40
C PRO B 397 11.48 11.61 -15.24
N ASN B 398 11.61 12.02 -14.00
CA ASN B 398 11.98 11.03 -12.96
C ASN B 398 10.72 10.54 -12.29
N MET B 399 9.59 11.02 -12.76
CA MET B 399 8.34 10.59 -12.17
C MET B 399 8.22 9.05 -12.12
N THR B 400 7.81 8.48 -10.98
CA THR B 400 7.66 7.06 -10.88
C THR B 400 6.26 6.61 -10.55
N ARG B 401 5.41 7.48 -9.99
CA ARG B 401 3.95 7.13 -9.78
C ARG B 401 3.04 8.27 -10.21
N PHE B 402 2.06 8.03 -11.09
CA PHE B 402 1.25 9.19 -11.49
C PHE B 402 -0.22 8.81 -11.56
N ARG B 403 -1.02 9.28 -10.65
CA ARG B 403 -2.40 8.91 -10.70
C ARG B 403 -3.04 10.23 -10.97
N LEU B 404 -3.98 10.35 -11.91
CA LEU B 404 -4.69 11.58 -12.10
C LEU B 404 -6.09 11.26 -12.21
N CYS B 405 -6.98 12.15 -11.76
CA CYS B 405 -8.28 11.75 -11.56
C CYS B 405 -9.14 12.96 -11.78
N ILE B 406 -9.77 13.10 -12.94
CA ILE B 406 -10.44 14.30 -13.38
C ILE B 406 -11.89 14.10 -13.07
N ILE B 407 -12.60 15.07 -12.55
CA ILE B 407 -13.75 14.71 -11.76
C ILE B 407 -14.96 14.35 -12.59
N GLU B 408 -15.26 15.16 -13.64
CA GLU B 408 -16.12 14.83 -14.80
C GLU B 408 -15.56 13.65 -15.54
N PRO B 409 -16.40 12.61 -15.74
CA PRO B 409 -15.67 11.60 -16.56
C PRO B 409 -15.76 11.86 -18.08
N LYS B 410 -14.88 11.16 -18.76
CA LYS B 410 -14.71 11.38 -20.17
C LYS B 410 -14.53 12.91 -20.47
N ALA B 411 -14.27 13.76 -19.46
CA ALA B 411 -13.83 15.15 -19.73
C ALA B 411 -12.54 15.18 -20.60
N PRO B 412 -12.57 15.93 -21.71
CA PRO B 412 -11.48 16.22 -22.68
C PRO B 412 -10.70 17.47 -22.40
N ASP B 413 -9.47 17.58 -22.91
CA ASP B 413 -8.76 18.78 -22.87
C ASP B 413 -9.75 19.95 -23.05
N TYR B 414 -9.85 20.93 -22.11
CA TYR B 414 -10.97 21.93 -22.11
C TYR B 414 -10.66 23.08 -23.05
N LEU B 415 -9.40 23.22 -23.42
CA LEU B 415 -9.02 24.18 -24.52
C LEU B 415 -9.23 23.54 -25.94
N THR B 416 -8.71 22.33 -26.22
CA THR B 416 -8.78 21.77 -27.61
C THR B 416 -10.02 20.92 -27.89
N LEU B 417 -10.49 20.32 -26.83
CA LEU B 417 -11.64 19.45 -26.84
C LEU B 417 -11.15 18.09 -27.23
N GLU B 418 -9.91 17.98 -27.69
CA GLU B 418 -9.30 16.70 -27.96
C GLU B 418 -9.29 15.77 -26.77
N PRO B 419 -9.10 14.46 -26.98
CA PRO B 419 -9.15 13.71 -25.71
C PRO B 419 -7.71 13.66 -25.23
N LEU B 420 -7.42 13.06 -24.08
CA LEU B 420 -6.08 13.23 -23.46
C LEU B 420 -4.98 12.29 -23.86
N ASP B 421 -5.09 11.71 -25.04
CA ASP B 421 -4.17 10.68 -25.34
C ASP B 421 -2.69 11.26 -25.46
N ILE B 422 -2.47 12.33 -26.20
CA ILE B 422 -1.08 12.73 -26.32
C ILE B 422 -0.56 13.14 -24.93
N GLY B 423 -1.51 13.71 -24.18
CA GLY B 423 -1.42 13.91 -22.76
C GLY B 423 -0.57 12.84 -22.07
N PHE B 424 -1.30 11.76 -21.81
CA PHE B 424 -0.67 10.66 -21.17
C PHE B 424 0.36 9.95 -22.01
N GLY B 425 0.33 10.20 -23.34
CA GLY B 425 1.37 9.64 -24.15
C GLY B 425 2.73 10.13 -23.69
N ALA B 426 2.82 11.46 -23.57
CA ALA B 426 4.01 12.21 -23.02
C ALA B 426 4.47 11.67 -21.67
N ILE B 427 3.55 11.58 -20.71
CA ILE B 427 3.92 10.97 -19.44
C ILE B 427 4.60 9.66 -19.72
N VAL B 428 3.92 8.72 -20.42
CA VAL B 428 4.52 7.32 -20.54
C VAL B 428 5.74 7.28 -21.36
N GLU B 429 5.81 8.14 -22.34
CA GLU B 429 7.02 8.23 -23.08
C GLU B 429 8.15 8.90 -22.32
N HIS B 430 7.89 9.89 -21.46
CA HIS B 430 9.03 10.58 -20.88
C HIS B 430 9.49 10.10 -19.51
N CYS B 431 8.61 9.39 -18.77
CA CYS B 431 8.98 8.94 -17.46
C CYS B 431 9.28 7.48 -17.55
N LYS B 432 10.46 7.26 -18.10
CA LYS B 432 10.85 5.92 -18.38
C LYS B 432 10.84 5.08 -17.15
N ASP B 433 10.58 5.62 -15.93
CA ASP B 433 10.39 4.67 -14.81
C ASP B 433 9.02 4.70 -14.28
N LEU B 434 8.16 5.37 -14.99
CA LEU B 434 6.82 5.39 -14.51
C LEU B 434 6.37 3.92 -14.04
N ARG B 435 6.11 3.65 -12.74
CA ARG B 435 5.93 2.26 -12.39
C ARG B 435 4.49 2.00 -11.98
N ARG B 436 3.75 3.09 -11.95
CA ARG B 436 2.36 3.07 -11.60
C ARG B 436 1.65 4.21 -12.24
N LEU B 437 0.44 3.98 -12.75
CA LEU B 437 -0.23 4.99 -13.57
C LEU B 437 -1.70 4.77 -13.45
N SER B 438 -2.41 5.87 -13.19
CA SER B 438 -3.73 5.75 -13.04
C SER B 438 -4.42 6.87 -13.93
N LEU B 439 -5.50 6.53 -14.69
CA LEU B 439 -5.81 7.39 -15.86
C LEU B 439 -7.17 7.95 -15.70
N SER B 440 -7.43 8.98 -16.47
CA SER B 440 -8.81 9.45 -16.60
C SER B 440 -8.81 10.48 -17.65
N GLY B 441 -9.93 11.20 -17.69
CA GLY B 441 -10.24 12.01 -18.86
C GLY B 441 -10.84 11.15 -20.11
N LEU B 442 -11.59 11.81 -21.02
CA LEU B 442 -11.83 11.35 -22.40
C LEU B 442 -10.56 10.78 -23.00
N LEU B 443 -10.56 9.45 -23.32
CA LEU B 443 -9.42 8.70 -23.77
C LEU B 443 -9.90 7.57 -24.76
N THR B 444 -9.15 7.41 -25.85
CA THR B 444 -9.55 6.56 -26.98
C THR B 444 -8.57 5.39 -26.98
N ASP B 445 -8.65 4.42 -27.89
CA ASP B 445 -7.70 3.28 -27.82
C ASP B 445 -6.32 3.87 -28.04
N LYS B 446 -6.27 5.08 -28.60
CA LYS B 446 -4.90 5.60 -28.88
C LYS B 446 -3.89 5.69 -27.65
N VAL B 447 -4.40 6.11 -26.48
CA VAL B 447 -3.57 6.15 -25.28
C VAL B 447 -2.88 4.82 -24.97
N PHE B 448 -3.68 3.76 -25.01
CA PHE B 448 -3.16 2.37 -24.79
C PHE B 448 -2.07 1.96 -25.76
N GLU B 449 -2.23 2.43 -26.95
CA GLU B 449 -1.12 2.23 -27.87
C GLU B 449 0.14 2.91 -27.34
N TYR B 450 -0.05 4.16 -26.86
CA TYR B 450 1.10 4.85 -26.18
C TYR B 450 1.51 3.99 -24.97
N ILE B 451 0.55 3.59 -24.19
CA ILE B 451 0.97 2.91 -23.04
C ILE B 451 1.77 1.66 -23.42
N GLY B 452 1.20 0.83 -24.34
CA GLY B 452 1.84 -0.44 -24.64
C GLY B 452 3.15 -0.20 -25.35
N THR B 453 3.27 0.83 -26.18
CA THR B 453 4.58 1.08 -26.79
C THR B 453 5.62 1.55 -25.82
N TYR B 454 5.21 2.35 -24.81
CA TYR B 454 6.19 3.21 -23.98
C TYR B 454 6.36 2.85 -22.49
N ALA B 455 5.29 2.36 -21.89
CA ALA B 455 5.24 2.14 -20.49
C ALA B 455 5.95 0.86 -20.10
N LYS B 456 7.19 0.78 -20.42
CA LYS B 456 7.71 -0.53 -20.25
C LYS B 456 8.01 -0.92 -18.81
N LYS B 457 8.18 0.04 -17.86
CA LYS B 457 8.37 -0.41 -16.49
C LYS B 457 7.04 -0.38 -15.72
N MET B 458 5.99 0.07 -16.39
CA MET B 458 4.85 0.17 -15.60
C MET B 458 4.46 -1.16 -14.91
N GLU B 459 4.04 -1.10 -13.65
CA GLU B 459 3.63 -2.33 -13.00
C GLU B 459 2.17 -2.40 -12.59
N MET B 460 1.55 -1.21 -12.48
CA MET B 460 0.20 -1.12 -12.01
C MET B 460 -0.54 -0.09 -12.82
N LEU B 461 -1.75 -0.41 -13.31
CA LEU B 461 -2.39 0.49 -14.22
C LEU B 461 -3.82 0.47 -13.86
N SER B 462 -4.49 1.64 -13.83
CA SER B 462 -5.90 1.65 -13.37
C SER B 462 -6.60 2.54 -14.30
N VAL B 463 -7.81 2.17 -14.64
CA VAL B 463 -8.41 2.65 -15.86
C VAL B 463 -9.89 2.57 -15.55
N ALA B 464 -10.64 3.59 -16.04
CA ALA B 464 -12.07 3.66 -15.80
C ALA B 464 -12.67 4.54 -16.88
N PHE B 465 -13.83 4.21 -17.42
CA PHE B 465 -14.37 4.99 -18.52
C PHE B 465 -13.45 5.43 -19.64
N ALA B 466 -12.54 4.60 -20.01
CA ALA B 466 -11.63 4.96 -21.14
C ALA B 466 -11.71 3.83 -22.26
N GLY B 467 -11.13 4.15 -23.43
CA GLY B 467 -10.82 3.18 -24.46
C GLY B 467 -11.97 2.96 -25.45
N ASP B 468 -11.63 2.39 -26.60
CA ASP B 468 -12.66 2.23 -27.64
C ASP B 468 -13.12 0.84 -27.90
N SER B 469 -12.23 -0.14 -27.79
CA SER B 469 -12.54 -1.52 -28.23
C SER B 469 -11.44 -2.36 -27.59
N ASP B 470 -11.42 -3.68 -27.86
CA ASP B 470 -10.46 -4.52 -27.18
C ASP B 470 -9.11 -4.25 -27.71
N LEU B 471 -9.03 -3.51 -28.81
CA LEU B 471 -7.72 -3.14 -29.27
C LEU B 471 -6.88 -2.51 -28.11
N GLY B 472 -7.55 -1.57 -27.35
CA GLY B 472 -7.00 -0.95 -26.17
C GLY B 472 -6.44 -1.95 -25.21
N MET B 473 -7.31 -2.74 -24.61
CA MET B 473 -6.75 -3.67 -23.62
C MET B 473 -5.61 -4.49 -24.18
N HIS B 474 -5.68 -4.70 -25.55
CA HIS B 474 -4.78 -5.58 -26.24
C HIS B 474 -3.44 -4.99 -26.38
N HIS B 475 -3.36 -3.79 -26.86
CA HIS B 475 -1.98 -3.14 -26.60
C HIS B 475 -1.51 -3.15 -25.14
N VAL B 476 -2.41 -3.24 -24.12
CA VAL B 476 -1.78 -3.16 -22.87
C VAL B 476 -1.19 -4.49 -22.57
N LEU B 477 -2.00 -5.55 -22.51
CA LEU B 477 -1.35 -6.92 -22.27
C LEU B 477 -0.27 -7.34 -23.30
N SER B 478 -0.47 -6.86 -24.50
CA SER B 478 0.54 -7.06 -25.50
C SER B 478 1.89 -6.29 -25.16
N GLY B 479 1.87 -4.94 -25.17
CA GLY B 479 3.04 -4.07 -24.77
C GLY B 479 3.76 -4.04 -23.40
N CYS B 480 3.09 -4.27 -22.28
CA CYS B 480 3.65 -3.75 -21.03
C CYS B 480 4.48 -4.77 -20.38
N ASP B 481 5.77 -4.76 -20.58
CA ASP B 481 6.50 -5.88 -20.01
C ASP B 481 6.42 -6.16 -18.52
N SER B 482 6.24 -5.08 -17.71
CA SER B 482 6.43 -5.21 -16.28
C SER B 482 5.12 -5.29 -15.57
N LEU B 483 4.04 -5.27 -16.37
CA LEU B 483 2.72 -5.31 -15.79
C LEU B 483 2.56 -6.40 -14.71
N ARG B 484 2.02 -6.00 -13.53
CA ARG B 484 1.62 -6.92 -12.45
C ARG B 484 0.14 -6.83 -12.09
N LYS B 485 -0.42 -5.60 -12.00
CA LYS B 485 -1.82 -5.38 -11.66
C LYS B 485 -2.48 -4.56 -12.74
N LEU B 486 -3.67 -4.96 -13.21
CA LEU B 486 -4.30 -4.20 -14.27
C LEU B 486 -5.63 -4.33 -13.67
N GLU B 487 -6.39 -3.25 -13.75
CA GLU B 487 -7.72 -3.18 -13.12
C GLU B 487 -8.50 -2.14 -13.87
N ILE B 488 -9.77 -2.41 -14.13
CA ILE B 488 -10.50 -1.73 -15.20
C ILE B 488 -11.94 -1.75 -14.84
N ARG B 489 -12.60 -0.64 -15.08
CA ARG B 489 -14.01 -0.66 -14.88
C ARG B 489 -14.62 0.25 -15.89
N ASP B 490 -15.82 -0.18 -16.29
CA ASP B 490 -16.63 0.52 -17.28
C ASP B 490 -15.89 0.97 -18.51
N CYS B 491 -15.05 0.13 -19.06
CA CYS B 491 -14.56 0.39 -20.42
C CYS B 491 -15.11 -0.65 -21.38
N PRO B 492 -15.08 -0.38 -22.76
CA PRO B 492 -15.66 -1.29 -23.82
C PRO B 492 -14.62 -2.34 -24.24
N PHE B 493 -14.30 -3.23 -23.30
CA PHE B 493 -13.17 -4.16 -23.38
C PHE B 493 -13.82 -5.49 -23.02
N GLY B 494 -13.39 -6.56 -23.71
CA GLY B 494 -14.12 -7.85 -23.59
C GLY B 494 -13.33 -9.11 -23.78
N ASP B 495 -13.95 -10.01 -24.55
CA ASP B 495 -13.41 -11.40 -24.80
C ASP B 495 -12.11 -11.40 -25.65
N LYS B 496 -12.10 -10.60 -26.70
CA LYS B 496 -11.07 -10.75 -27.70
C LYS B 496 -9.70 -10.54 -27.09
N ALA B 497 -9.51 -9.34 -26.40
CA ALA B 497 -8.14 -8.98 -25.92
C ALA B 497 -7.73 -9.95 -24.87
N LEU B 498 -8.72 -10.35 -24.12
CA LEU B 498 -8.59 -11.11 -22.97
C LEU B 498 -8.12 -12.50 -23.35
N LEU B 499 -8.84 -13.24 -24.27
CA LEU B 499 -8.30 -14.55 -24.79
C LEU B 499 -7.12 -14.37 -25.70
N ALA B 500 -7.10 -13.33 -26.53
CA ALA B 500 -5.85 -13.17 -27.33
C ALA B 500 -4.59 -13.17 -26.52
N ASN B 501 -4.64 -12.64 -25.25
CA ASN B 501 -3.42 -12.52 -24.44
C ASN B 501 -3.40 -13.43 -23.25
N ALA B 502 -4.12 -14.52 -23.37
CA ALA B 502 -4.33 -15.37 -22.23
C ALA B 502 -3.12 -15.64 -21.39
N SER B 503 -1.95 -15.88 -21.92
CA SER B 503 -0.82 -16.33 -21.05
C SER B 503 -0.06 -15.13 -20.38
N LYS B 504 -0.34 -13.91 -20.86
CA LYS B 504 0.22 -12.78 -20.21
C LYS B 504 -0.33 -12.89 -18.74
N LEU B 505 -1.61 -13.26 -18.59
CA LEU B 505 -2.23 -13.31 -17.30
C LEU B 505 -1.40 -14.09 -16.33
N GLU B 506 -0.53 -14.96 -16.81
CA GLU B 506 0.31 -15.74 -15.87
C GLU B 506 1.54 -14.98 -15.44
N THR B 507 1.81 -13.83 -16.04
CA THR B 507 3.05 -13.09 -15.65
C THR B 507 2.71 -11.90 -14.77
N MET B 508 1.48 -11.91 -14.28
CA MET B 508 0.79 -10.80 -13.72
C MET B 508 0.21 -11.38 -12.50
N ARG B 509 -0.06 -10.57 -11.54
CA ARG B 509 -0.48 -11.00 -10.30
C ARG B 509 -2.03 -11.10 -10.31
N SER B 510 -2.70 -10.11 -10.99
CA SER B 510 -4.13 -10.11 -11.02
C SER B 510 -4.60 -9.26 -12.12
N LEU B 511 -5.79 -9.51 -12.64
CA LEU B 511 -6.43 -8.65 -13.57
C LEU B 511 -7.87 -8.54 -12.96
N TRP B 512 -8.50 -7.32 -13.01
CA TRP B 512 -9.81 -7.17 -12.32
C TRP B 512 -10.53 -6.39 -13.39
N MET B 513 -11.81 -6.72 -13.69
CA MET B 513 -12.56 -6.09 -14.76
C MET B 513 -13.99 -6.12 -14.27
N SER B 514 -14.66 -4.95 -14.19
CA SER B 514 -16.00 -4.89 -13.56
C SER B 514 -16.76 -3.91 -14.35
N SER B 515 -18.04 -4.17 -14.61
CA SER B 515 -18.79 -3.47 -15.69
C SER B 515 -18.22 -3.29 -17.02
N CYS B 516 -17.37 -4.20 -17.41
CA CYS B 516 -16.92 -4.24 -18.82
C CYS B 516 -17.78 -5.20 -19.69
N SER B 517 -17.30 -5.56 -20.87
CA SER B 517 -18.11 -6.55 -21.63
C SER B 517 -17.25 -7.75 -21.91
N VAL B 518 -17.06 -8.55 -20.84
CA VAL B 518 -16.46 -9.83 -20.81
C VAL B 518 -17.67 -10.73 -20.56
N SER B 519 -17.92 -11.65 -21.54
CA SER B 519 -19.15 -12.49 -21.52
C SER B 519 -18.76 -13.64 -20.66
N PHE B 520 -19.76 -14.18 -19.98
CA PHE B 520 -19.63 -15.46 -19.29
C PHE B 520 -19.03 -16.65 -20.10
N GLY B 521 -19.46 -16.75 -21.35
CA GLY B 521 -18.76 -17.63 -22.33
C GLY B 521 -17.25 -17.42 -22.32
N ALA B 522 -16.81 -16.23 -22.66
CA ALA B 522 -15.34 -16.08 -22.52
C ALA B 522 -14.77 -16.41 -21.11
N CYS B 523 -15.52 -16.20 -20.03
CA CYS B 523 -14.85 -16.55 -18.77
C CYS B 523 -14.54 -17.99 -18.72
N LYS B 524 -15.58 -18.81 -18.78
CA LYS B 524 -15.54 -20.30 -19.02
C LYS B 524 -14.44 -20.74 -19.87
N LEU B 525 -14.30 -20.21 -21.09
CA LEU B 525 -13.20 -20.77 -21.93
C LEU B 525 -11.85 -20.63 -21.27
N LEU B 526 -11.60 -19.39 -20.86
CA LEU B 526 -10.33 -19.02 -20.18
C LEU B 526 -9.97 -19.88 -18.98
N GLY B 527 -10.93 -20.16 -18.09
CA GLY B 527 -10.63 -21.12 -17.03
C GLY B 527 -10.06 -22.46 -17.56
N GLN B 528 -10.54 -22.89 -18.72
CA GLN B 528 -10.14 -24.18 -19.22
C GLN B 528 -8.94 -24.05 -20.04
N LYS B 529 -8.86 -23.01 -20.82
CA LYS B 529 -7.55 -22.92 -21.40
C LYS B 529 -6.46 -22.92 -20.26
N MET B 530 -6.81 -22.35 -19.09
CA MET B 530 -5.76 -21.94 -18.09
C MET B 530 -5.97 -22.53 -16.71
N PRO B 531 -5.71 -23.84 -16.60
CA PRO B 531 -6.02 -24.54 -15.33
C PRO B 531 -5.55 -23.68 -14.10
N LYS B 532 -4.28 -23.24 -14.11
CA LYS B 532 -3.48 -22.45 -13.12
C LYS B 532 -3.85 -20.98 -12.76
N LEU B 533 -4.48 -20.23 -13.63
CA LEU B 533 -5.23 -19.10 -13.17
C LEU B 533 -6.50 -19.54 -12.36
N ASN B 534 -6.94 -18.85 -11.28
CA ASN B 534 -8.34 -18.86 -10.91
C ASN B 534 -8.97 -17.67 -11.55
N VAL B 535 -10.02 -17.90 -12.36
CA VAL B 535 -10.80 -16.90 -13.08
C VAL B 535 -12.09 -16.84 -12.27
N GLU B 536 -12.50 -15.71 -11.70
CA GLU B 536 -13.60 -15.72 -10.73
C GLU B 536 -14.67 -14.74 -11.20
N VAL B 537 -15.90 -15.19 -11.18
CA VAL B 537 -16.96 -14.38 -11.72
C VAL B 537 -17.66 -14.11 -10.48
N ILE B 538 -17.83 -12.81 -10.27
CA ILE B 538 -18.38 -12.24 -9.03
C ILE B 538 -19.48 -11.42 -9.59
N ASP B 539 -20.68 -11.86 -9.24
CA ASP B 539 -21.85 -11.49 -9.97
C ASP B 539 -22.93 -11.88 -9.06
N GLU B 540 -23.95 -11.06 -9.02
CA GLU B 540 -24.82 -11.16 -7.92
C GLU B 540 -26.26 -11.36 -8.38
N ARG B 541 -26.43 -11.76 -9.66
CA ARG B 541 -27.78 -11.91 -10.16
C ARG B 541 -28.17 -13.35 -10.08
N GLY B 542 -27.34 -14.23 -9.58
CA GLY B 542 -27.74 -15.63 -9.57
C GLY B 542 -26.86 -16.30 -10.59
N ALA B 543 -27.01 -17.62 -10.75
CA ALA B 543 -26.00 -18.37 -11.55
C ALA B 543 -25.88 -17.74 -12.93
N PRO B 544 -24.65 -17.76 -13.44
CA PRO B 544 -24.33 -17.16 -14.76
C PRO B 544 -24.95 -17.98 -15.93
N ASP B 545 -24.96 -19.31 -15.74
CA ASP B 545 -25.55 -20.24 -16.71
C ASP B 545 -27.08 -20.11 -16.76
N SER B 546 -27.67 -19.39 -15.80
CA SER B 546 -29.07 -18.97 -15.93
C SER B 546 -29.28 -17.82 -16.93
N ARG B 547 -28.22 -17.32 -17.56
CA ARG B 547 -28.30 -16.24 -18.56
C ARG B 547 -27.55 -16.83 -19.76
N PRO B 548 -27.80 -16.34 -21.00
CA PRO B 548 -27.00 -16.76 -22.19
C PRO B 548 -25.49 -16.49 -22.09
N GLU B 549 -24.66 -17.50 -22.27
CA GLU B 549 -23.21 -17.30 -22.37
C GLU B 549 -22.66 -15.96 -22.77
N SER B 550 -23.42 -15.18 -23.49
CA SER B 550 -22.79 -14.08 -24.18
C SER B 550 -23.01 -12.75 -23.47
N CYS B 551 -23.91 -12.78 -22.46
CA CYS B 551 -24.16 -11.70 -21.49
C CYS B 551 -22.88 -11.50 -20.68
N PRO B 552 -22.44 -10.22 -20.54
CA PRO B 552 -21.28 -9.71 -19.73
C PRO B 552 -21.51 -10.10 -18.29
N VAL B 553 -20.51 -10.66 -17.66
CA VAL B 553 -20.62 -10.85 -16.23
C VAL B 553 -20.47 -9.48 -15.53
N GLU B 554 -20.99 -9.38 -14.29
CA GLU B 554 -20.85 -8.10 -13.49
C GLU B 554 -19.34 -7.77 -13.25
N ARG B 555 -18.56 -8.84 -12.91
CA ARG B 555 -17.15 -8.67 -12.57
C ARG B 555 -16.49 -9.97 -12.78
N VAL B 556 -15.23 -9.95 -13.16
CA VAL B 556 -14.52 -11.15 -13.15
C VAL B 556 -13.15 -10.76 -12.60
N PHE B 557 -12.49 -11.63 -11.84
CA PHE B 557 -11.25 -11.25 -11.25
C PHE B 557 -10.30 -12.39 -11.48
N ILE B 558 -9.25 -12.22 -12.32
CA ILE B 558 -8.35 -13.35 -12.60
C ILE B 558 -7.05 -13.27 -11.83
N TYR B 559 -6.50 -14.39 -11.34
CA TYR B 559 -5.15 -14.32 -10.85
C TYR B 559 -4.38 -15.67 -10.78
N ARG B 560 -3.07 -15.63 -11.05
CA ARG B 560 -2.30 -16.83 -10.95
C ARG B 560 -2.35 -17.34 -9.51
N THR B 561 -2.14 -18.64 -9.30
CA THR B 561 -2.05 -19.26 -8.02
C THR B 561 -1.37 -20.56 -8.26
N VAL B 562 -0.49 -21.01 -7.38
CA VAL B 562 -0.14 -22.40 -7.20
C VAL B 562 -1.05 -23.23 -6.21
N ALA B 563 -2.13 -22.70 -5.71
CA ALA B 563 -3.00 -23.41 -4.73
C ALA B 563 -4.22 -24.02 -5.47
N GLY B 564 -4.36 -23.73 -6.76
CA GLY B 564 -5.58 -24.00 -7.50
C GLY B 564 -6.73 -23.28 -6.81
N PRO B 565 -7.99 -23.77 -7.01
CA PRO B 565 -9.19 -22.92 -6.72
C PRO B 565 -9.41 -22.86 -5.23
N ARG B 566 -10.14 -21.84 -4.79
CA ARG B 566 -10.27 -21.68 -3.37
C ARG B 566 -11.50 -22.28 -2.74
N PHE B 567 -11.35 -22.55 -1.46
CA PHE B 567 -12.38 -23.15 -0.67
C PHE B 567 -13.50 -22.31 -0.05
N ASP B 568 -13.31 -20.99 0.06
CA ASP B 568 -14.21 -20.13 0.80
C ASP B 568 -14.95 -19.22 -0.15
N MET B 569 -15.13 -19.59 -1.39
CA MET B 569 -15.99 -18.76 -2.16
C MET B 569 -17.40 -18.61 -1.55
N PRO B 570 -17.94 -17.41 -1.59
CA PRO B 570 -19.33 -17.49 -1.17
C PRO B 570 -20.18 -17.85 -2.36
N GLY B 571 -21.47 -17.67 -2.20
CA GLY B 571 -22.48 -18.04 -3.16
C GLY B 571 -22.45 -17.29 -4.48
N PHE B 572 -21.81 -16.13 -4.52
CA PHE B 572 -22.01 -15.29 -5.72
C PHE B 572 -20.69 -15.22 -6.40
N VAL B 573 -19.82 -16.15 -6.02
CA VAL B 573 -18.65 -16.27 -6.74
C VAL B 573 -18.56 -17.70 -7.29
N TRP B 574 -18.25 -17.69 -8.60
CA TRP B 574 -17.97 -18.90 -9.38
C TRP B 574 -16.54 -18.99 -9.86
N ASN B 575 -15.81 -19.99 -9.45
CA ASN B 575 -14.62 -20.44 -10.20
C ASN B 575 -14.67 -21.22 -11.64
N MET B 576 -15.15 -20.53 -12.70
CA MET B 576 -14.54 -20.42 -14.08
C MET B 576 -15.54 -19.78 -15.14
#